data_9DGF
#
_entry.id   9DGF
#
_cell.length_a   103.982
_cell.length_b   103.982
_cell.length_c   82.989
_cell.angle_alpha   90.000
_cell.angle_beta   90.000
_cell.angle_gamma   120.000
#
_symmetry.space_group_name_H-M   'P 32 2 1'
#
loop_
_entity.id
_entity.type
_entity.pdbx_description
1 polymer 'Tetrahydroprotoberberine N-methyltransferase'
2 non-polymer S-ADENOSYL-L-HOMOCYSTEINE
3 non-polymer N-Methyltetrahydropalmatine
4 water water
#
_entity_poly.entity_id   1
_entity_poly.type   'polypeptide(L)'
_entity_poly.pdbx_seq_one_letter_code
;MGSSHHHHHHGTGSYITSLYKKAGWMGSNEAQVKKESIGEIMGKLMQGEIGDEELSKRIKEIFGKRLQWGYKPTHQQQLA
FNLDFIKSLKEMDMSGEIDTMNEETYELPSAFLEAAFGKTIKQSGCYFKDETTTIDEAEEASHELYCERAQIKDGQTVLD
IGCGQGGLVLHIAQKYKNCHVTGLTNSKAQKNYILMQAEKLQLSNVDVILADVTKHESDKTYDRILVIETIEHMKNIQLF
MKKLSTWMTEDSLLFVDHICHKTFSHHFEAIDEDDWYSGFIFPKGCVTILSASALLYFQDDVTILDHWVVNGMHMARSVD
AWRKKLDKNMELAREILLPGLGSKEAVNGVITHIRTFCMGGYEQFSYNNGEEWMVAQMLFKKK
;
_entity_poly.pdbx_strand_id   A
#
# COMPACT_ATOMS: atom_id res chain seq x y z
N LYS A 35 -28.75 20.38 -3.39
CA LYS A 35 -27.39 20.01 -2.89
C LYS A 35 -27.54 19.06 -1.70
N GLU A 36 -27.07 17.82 -1.89
CA GLU A 36 -27.14 16.78 -0.88
C GLU A 36 -25.92 16.87 0.04
N SER A 37 -26.13 16.52 1.32
N SER A 37 -26.13 16.51 1.31
CA SER A 37 -25.08 16.58 2.32
CA SER A 37 -25.09 16.58 2.32
C SER A 37 -24.21 15.33 2.27
C SER A 37 -24.23 15.32 2.29
N ILE A 38 -23.09 15.37 3.00
CA ILE A 38 -22.21 14.22 3.16
C ILE A 38 -22.99 13.12 3.90
N GLY A 39 -23.65 13.51 4.99
CA GLY A 39 -24.44 12.60 5.82
C GLY A 39 -25.49 11.87 5.00
N GLU A 40 -26.08 12.57 4.03
CA GLU A 40 -27.10 12.00 3.17
C GLU A 40 -26.49 10.91 2.27
N ILE A 41 -25.38 11.22 1.61
CA ILE A 41 -24.75 10.25 0.73
C ILE A 41 -24.25 9.08 1.56
N MET A 42 -23.65 9.39 2.72
CA MET A 42 -23.10 8.38 3.61
C MET A 42 -24.21 7.44 4.09
N GLY A 43 -25.40 7.99 4.32
CA GLY A 43 -26.54 7.21 4.77
C GLY A 43 -26.97 6.18 3.72
N LYS A 44 -27.14 6.64 2.47
CA LYS A 44 -27.52 5.76 1.37
C LYS A 44 -26.45 4.69 1.17
N LEU A 45 -25.18 5.10 1.25
CA LEU A 45 -24.05 4.19 1.09
C LEU A 45 -24.15 3.07 2.11
N MET A 46 -24.27 3.44 3.38
CA MET A 46 -24.28 2.48 4.48
C MET A 46 -25.48 1.54 4.36
N GLN A 47 -26.56 2.00 3.71
CA GLN A 47 -27.78 1.22 3.59
C GLN A 47 -27.81 0.45 2.28
N GLY A 48 -26.68 0.45 1.56
CA GLY A 48 -26.56 -0.26 0.29
C GLY A 48 -27.57 0.22 -0.76
N GLU A 49 -27.91 1.52 -0.71
CA GLU A 49 -28.90 2.10 -1.60
C GLU A 49 -28.25 2.76 -2.82
N ILE A 50 -26.91 2.88 -2.83
CA ILE A 50 -26.24 3.40 -4.02
C ILE A 50 -25.78 2.23 -4.87
N GLY A 51 -26.30 2.15 -6.10
CA GLY A 51 -25.89 1.12 -7.03
C GLY A 51 -24.42 1.32 -7.44
N ASP A 52 -23.79 0.23 -7.88
CA ASP A 52 -22.37 0.23 -8.22
C ASP A 52 -22.04 1.27 -9.28
N GLU A 53 -22.93 1.41 -10.28
CA GLU A 53 -22.71 2.31 -11.40
C GLU A 53 -22.64 3.75 -10.92
N GLU A 54 -23.56 4.15 -10.03
CA GLU A 54 -23.59 5.50 -9.47
C GLU A 54 -22.42 5.72 -8.52
N LEU A 55 -22.10 4.70 -7.71
CA LEU A 55 -21.01 4.81 -6.75
C LEU A 55 -19.71 5.07 -7.48
N SER A 56 -19.46 4.28 -8.53
CA SER A 56 -18.27 4.43 -9.36
C SER A 56 -18.20 5.83 -9.96
N LYS A 57 -19.34 6.31 -10.46
CA LYS A 57 -19.41 7.62 -11.10
C LYS A 57 -19.11 8.72 -10.09
N ARG A 58 -19.63 8.60 -8.87
CA ARG A 58 -19.40 9.63 -7.87
C ARG A 58 -17.93 9.68 -7.47
N ILE A 59 -17.31 8.50 -7.33
CA ILE A 59 -15.93 8.46 -6.86
C ILE A 59 -15.00 8.96 -7.96
N LYS A 60 -15.30 8.58 -9.21
N LYS A 60 -15.26 8.56 -9.21
CA LYS A 60 -14.50 8.97 -10.36
CA LYS A 60 -14.47 9.04 -10.33
C LYS A 60 -14.48 10.49 -10.54
C LYS A 60 -14.42 10.57 -10.28
N GLU A 61 -15.56 11.17 -10.12
N GLU A 61 -15.61 11.19 -10.24
CA GLU A 61 -15.66 12.61 -10.24
CA GLU A 61 -15.73 12.64 -10.21
C GLU A 61 -14.84 13.30 -9.15
C GLU A 61 -14.78 13.24 -9.18
N ILE A 62 -14.74 12.64 -7.99
CA ILE A 62 -13.92 13.14 -6.90
C ILE A 62 -12.44 13.11 -7.32
N PHE A 63 -12.03 12.00 -7.95
CA PHE A 63 -10.64 11.86 -8.37
C PHE A 63 -10.35 12.84 -9.50
N GLY A 64 -11.32 13.03 -10.40
CA GLY A 64 -11.25 14.04 -11.46
C GLY A 64 -10.89 15.42 -10.91
N LYS A 65 -11.50 15.81 -9.80
CA LYS A 65 -11.24 17.08 -9.17
C LYS A 65 -9.83 17.14 -8.57
N ARG A 66 -9.33 15.99 -8.10
CA ARG A 66 -7.96 15.93 -7.61
C ARG A 66 -6.97 16.19 -8.76
N LEU A 67 -7.25 15.64 -9.94
CA LEU A 67 -6.38 15.85 -11.09
C LEU A 67 -6.36 17.33 -11.48
N GLN A 68 -7.53 17.98 -11.38
CA GLN A 68 -7.61 19.41 -11.69
C GLN A 68 -6.77 20.22 -10.71
N TRP A 69 -6.81 19.81 -9.45
CA TRP A 69 -6.05 20.44 -8.38
C TRP A 69 -4.53 20.28 -8.61
N GLY A 70 -4.11 19.11 -9.14
CA GLY A 70 -2.69 18.79 -9.10
C GLY A 70 -1.92 19.18 -10.36
N TYR A 71 -2.59 19.23 -11.50
CA TYR A 71 -1.94 19.56 -12.76
C TYR A 71 -1.84 21.08 -12.91
N LYS A 72 -0.63 21.58 -13.22
CA LYS A 72 -0.44 23.01 -13.43
C LYS A 72 -0.25 23.29 -14.92
N PRO A 73 -0.47 24.55 -15.36
CA PRO A 73 -0.40 24.90 -16.78
C PRO A 73 0.97 24.84 -17.45
N THR A 74 2.05 24.99 -16.68
N THR A 74 2.04 25.03 -16.68
CA THR A 74 3.40 25.03 -17.23
CA THR A 74 3.39 25.02 -17.22
C THR A 74 4.28 24.15 -16.34
C THR A 74 4.25 24.12 -16.34
N HIS A 75 5.39 23.67 -16.88
CA HIS A 75 6.32 22.85 -16.10
C HIS A 75 6.93 23.70 -14.99
N GLN A 76 7.12 25.01 -15.27
CA GLN A 76 7.58 25.92 -14.24
C GLN A 76 6.67 25.86 -13.01
N GLN A 77 5.36 26.01 -13.25
CA GLN A 77 4.39 25.97 -12.17
C GLN A 77 4.29 24.58 -11.55
N GLN A 78 4.37 23.54 -12.38
CA GLN A 78 4.26 22.19 -11.85
C GLN A 78 5.39 21.93 -10.85
N LEU A 79 6.61 22.34 -11.20
CA LEU A 79 7.75 22.13 -10.31
C LEU A 79 7.64 22.98 -9.05
N ALA A 80 7.16 24.22 -9.17
CA ALA A 80 6.99 25.04 -7.99
C ALA A 80 6.03 24.35 -7.02
N PHE A 81 4.94 23.80 -7.57
CA PHE A 81 3.94 23.11 -6.77
C PHE A 81 4.55 21.87 -6.12
N ASN A 82 5.30 21.10 -6.91
CA ASN A 82 5.83 19.82 -6.43
C ASN A 82 6.89 20.08 -5.35
N LEU A 83 7.74 21.10 -5.57
CA LEU A 83 8.79 21.41 -4.62
C LEU A 83 8.22 21.96 -3.31
N ASP A 84 7.13 22.72 -3.40
CA ASP A 84 6.49 23.21 -2.20
C ASP A 84 5.99 22.03 -1.35
N PHE A 85 5.46 21.01 -2.03
CA PHE A 85 4.99 19.82 -1.32
C PHE A 85 6.15 19.11 -0.63
N ILE A 86 7.26 18.92 -1.35
N ILE A 86 7.25 18.89 -1.38
CA ILE A 86 8.43 18.22 -0.85
CA ILE A 86 8.44 18.23 -0.87
C ILE A 86 9.07 18.99 0.31
C ILE A 86 8.95 19.00 0.36
N LYS A 87 9.08 20.32 0.22
CA LYS A 87 9.56 21.16 1.31
C LYS A 87 8.66 21.00 2.54
N SER A 88 7.33 20.94 2.31
N SER A 88 7.34 20.92 2.32
CA SER A 88 6.40 20.79 3.41
CA SER A 88 6.41 20.80 3.42
C SER A 88 6.71 19.50 4.17
C SER A 88 6.61 19.48 4.18
N LEU A 89 7.02 18.43 3.44
CA LEU A 89 7.29 17.12 4.03
C LEU A 89 8.52 17.19 4.93
N LYS A 90 9.50 18.00 4.53
CA LYS A 90 10.76 18.04 5.25
C LYS A 90 10.63 18.85 6.55
N GLU A 91 9.49 19.51 6.75
CA GLU A 91 9.27 20.31 7.94
C GLU A 91 8.46 19.53 8.98
N MET A 92 7.89 18.39 8.57
CA MET A 92 7.04 17.57 9.42
C MET A 92 7.91 16.61 10.23
N ASP A 93 7.96 16.84 11.55
CA ASP A 93 8.77 16.06 12.47
C ASP A 93 7.85 15.15 13.29
N GLU A 104 -7.75 1.25 17.08
CA GLU A 104 -6.29 1.00 17.18
C GLU A 104 -6.04 -0.33 17.91
N THR A 105 -7.12 -1.04 18.23
CA THR A 105 -7.03 -2.32 18.91
C THR A 105 -7.76 -3.40 18.12
N TYR A 106 -8.81 -2.99 17.38
CA TYR A 106 -9.58 -3.92 16.57
C TYR A 106 -8.82 -4.29 15.30
N GLU A 107 -8.67 -5.60 15.08
CA GLU A 107 -8.08 -6.13 13.86
C GLU A 107 -9.01 -7.19 13.27
N LEU A 108 -9.06 -7.22 11.95
CA LEU A 108 -9.92 -8.15 11.22
C LEU A 108 -9.45 -9.58 11.49
N PRO A 109 -10.37 -10.53 11.78
CA PRO A 109 -9.99 -11.93 11.90
C PRO A 109 -9.33 -12.46 10.63
N SER A 110 -8.41 -13.41 10.81
CA SER A 110 -7.61 -13.92 9.70
C SER A 110 -8.52 -14.62 8.70
N ALA A 111 -9.58 -15.27 9.19
CA ALA A 111 -10.53 -15.94 8.32
C ALA A 111 -11.23 -14.94 7.40
N PHE A 112 -11.45 -13.71 7.89
CA PHE A 112 -12.08 -12.68 7.07
C PHE A 112 -11.10 -12.25 5.97
N LEU A 113 -9.86 -11.97 6.35
CA LEU A 113 -8.86 -11.54 5.38
C LEU A 113 -8.70 -12.60 4.28
N GLU A 114 -8.72 -13.88 4.69
CA GLU A 114 -8.58 -15.02 3.80
C GLU A 114 -9.74 -15.10 2.81
N ALA A 115 -10.92 -14.63 3.24
CA ALA A 115 -12.11 -14.71 2.41
C ALA A 115 -12.18 -13.56 1.41
N ALA A 116 -11.46 -12.46 1.69
CA ALA A 116 -11.51 -11.27 0.84
C ALA A 116 -10.29 -11.16 -0.08
N PHE A 117 -9.10 -11.52 0.41
CA PHE A 117 -7.86 -11.27 -0.33
C PHE A 117 -7.35 -12.56 -0.96
N GLY A 118 -6.18 -12.47 -1.61
CA GLY A 118 -5.59 -13.64 -2.24
C GLY A 118 -4.98 -14.59 -1.22
N LYS A 119 -4.38 -15.67 -1.71
CA LYS A 119 -3.93 -16.77 -0.87
C LYS A 119 -2.94 -16.29 0.20
N THR A 120 -2.02 -15.36 -0.13
CA THR A 120 -1.04 -14.92 0.85
C THR A 120 -1.47 -13.62 1.52
N ILE A 121 -2.71 -13.18 1.26
CA ILE A 121 -3.33 -11.99 1.83
C ILE A 121 -2.42 -10.78 1.60
N LYS A 122 -1.94 -10.65 0.35
CA LYS A 122 -1.17 -9.48 -0.03
C LYS A 122 -2.08 -8.26 0.01
N GLN A 123 -1.61 -7.18 0.65
CA GLN A 123 -2.37 -5.94 0.72
C GLN A 123 -1.57 -4.83 0.06
N SER A 124 -1.34 -5.01 -1.24
CA SER A 124 -0.55 -4.10 -2.04
C SER A 124 -0.83 -4.50 -3.48
N GLY A 125 -0.46 -3.61 -4.42
CA GLY A 125 -0.71 -3.84 -5.83
C GLY A 125 -0.04 -5.13 -6.28
N CYS A 126 -0.78 -5.95 -7.04
CA CYS A 126 -0.25 -7.20 -7.60
C CYS A 126 0.09 -6.96 -9.08
N TYR A 127 0.51 -8.02 -9.78
CA TYR A 127 0.97 -7.86 -11.16
C TYR A 127 0.30 -8.93 -12.03
N PHE A 128 -0.43 -8.49 -13.07
CA PHE A 128 -1.26 -9.40 -13.83
C PHE A 128 -0.73 -9.50 -15.26
N LYS A 129 -0.19 -10.67 -15.61
CA LYS A 129 0.29 -10.85 -16.98
C LYS A 129 -0.87 -10.91 -17.97
N ASP A 130 -1.83 -11.78 -17.71
CA ASP A 130 -2.88 -12.09 -18.67
C ASP A 130 -4.23 -11.64 -18.16
N GLU A 131 -5.21 -11.65 -19.06
CA GLU A 131 -6.59 -11.31 -18.74
C GLU A 131 -7.15 -12.34 -17.76
N THR A 132 -6.60 -13.55 -17.80
CA THR A 132 -7.12 -14.62 -16.97
C THR A 132 -6.23 -14.87 -15.75
N THR A 133 -5.23 -14.00 -15.50
CA THR A 133 -4.40 -14.14 -14.31
C THR A 133 -5.29 -14.03 -13.09
N THR A 134 -5.16 -15.00 -12.17
CA THR A 134 -5.94 -14.97 -10.94
C THR A 134 -5.21 -14.10 -9.92
N ILE A 135 -5.93 -13.69 -8.86
CA ILE A 135 -5.29 -12.94 -7.80
C ILE A 135 -4.14 -13.73 -7.18
N ASP A 136 -4.29 -15.07 -7.00
CA ASP A 136 -3.19 -15.85 -6.45
C ASP A 136 -1.95 -15.78 -7.36
N GLU A 137 -2.17 -15.87 -8.68
CA GLU A 137 -1.05 -15.83 -9.60
C GLU A 137 -0.42 -14.43 -9.60
N ALA A 138 -1.27 -13.42 -9.50
CA ALA A 138 -0.81 -12.04 -9.53
C ALA A 138 0.00 -11.70 -8.28
N GLU A 139 -0.36 -12.26 -7.12
CA GLU A 139 0.45 -12.10 -5.91
C GLU A 139 1.84 -12.68 -6.14
N GLU A 140 1.90 -13.91 -6.66
CA GLU A 140 3.18 -14.57 -6.84
C GLU A 140 4.03 -13.79 -7.85
N ALA A 141 3.39 -13.31 -8.92
CA ALA A 141 4.11 -12.55 -9.93
C ALA A 141 4.70 -11.26 -9.36
N SER A 142 3.96 -10.64 -8.44
N SER A 142 3.96 -10.60 -8.45
CA SER A 142 4.40 -9.41 -7.77
CA SER A 142 4.46 -9.41 -7.77
C SER A 142 5.60 -9.70 -6.86
C SER A 142 5.67 -9.75 -6.91
N HIS A 143 5.53 -10.80 -6.10
CA HIS A 143 6.65 -11.24 -5.27
C HIS A 143 7.90 -11.46 -6.12
N GLU A 144 7.74 -12.10 -7.29
N GLU A 144 7.76 -12.10 -7.30
CA GLU A 144 8.86 -12.39 -8.17
CA GLU A 144 8.90 -12.39 -8.14
C GLU A 144 9.47 -11.10 -8.69
C GLU A 144 9.49 -11.10 -8.71
N LEU A 145 8.61 -10.15 -9.09
CA LEU A 145 9.03 -8.86 -9.59
C LEU A 145 9.88 -8.13 -8.53
N TYR A 146 9.43 -8.10 -7.28
CA TYR A 146 10.20 -7.48 -6.22
C TYR A 146 11.55 -8.18 -6.05
N CYS A 147 11.58 -9.52 -6.09
CA CYS A 147 12.83 -10.23 -5.94
C CYS A 147 13.84 -9.89 -7.04
N GLU A 148 13.34 -9.77 -8.27
N GLU A 148 13.34 -9.76 -8.28
CA GLU A 148 14.19 -9.41 -9.41
CA GLU A 148 14.19 -9.41 -9.41
C GLU A 148 14.72 -7.99 -9.21
C GLU A 148 14.72 -7.99 -9.25
N ARG A 149 13.82 -7.04 -8.96
CA ARG A 149 14.19 -5.64 -8.92
C ARG A 149 15.04 -5.28 -7.70
N ALA A 150 14.81 -5.97 -6.56
CA ALA A 150 15.61 -5.76 -5.36
C ALA A 150 16.88 -6.61 -5.36
N GLN A 151 17.09 -7.40 -6.43
CA GLN A 151 18.32 -8.16 -6.62
C GLN A 151 18.54 -9.11 -5.44
N ILE A 152 17.50 -9.86 -5.10
CA ILE A 152 17.56 -10.83 -4.01
C ILE A 152 18.38 -12.02 -4.51
N LYS A 153 19.31 -12.49 -3.68
CA LYS A 153 20.12 -13.66 -3.96
C LYS A 153 20.15 -14.55 -2.72
N ASP A 154 20.27 -15.86 -2.95
CA ASP A 154 20.33 -16.80 -1.84
C ASP A 154 21.51 -16.46 -0.93
N GLY A 155 21.29 -16.53 0.40
CA GLY A 155 22.34 -16.27 1.37
C GLY A 155 22.28 -14.88 2.00
N GLN A 156 21.44 -13.97 1.47
CA GLN A 156 21.37 -12.61 1.98
C GLN A 156 20.53 -12.56 3.24
N THR A 157 20.80 -11.56 4.11
CA THR A 157 19.87 -11.20 5.16
C THR A 157 18.90 -10.16 4.60
N VAL A 158 17.61 -10.37 4.84
CA VAL A 158 16.58 -9.56 4.19
C VAL A 158 15.65 -9.06 5.30
N LEU A 159 15.34 -7.75 5.25
CA LEU A 159 14.36 -7.16 6.17
C LEU A 159 13.18 -6.60 5.36
N ASP A 160 11.94 -6.97 5.74
CA ASP A 160 10.75 -6.46 5.06
C ASP A 160 9.98 -5.56 6.03
N ILE A 161 9.95 -4.25 5.72
CA ILE A 161 9.44 -3.25 6.64
C ILE A 161 7.95 -3.03 6.38
N GLY A 162 7.14 -3.25 7.43
CA GLY A 162 5.70 -3.27 7.29
C GLY A 162 5.26 -4.48 6.46
N CYS A 163 5.53 -5.67 7.00
CA CYS A 163 5.46 -6.90 6.20
C CYS A 163 4.03 -7.42 6.01
N GLY A 164 3.03 -6.80 6.64
CA GLY A 164 1.65 -7.21 6.40
C GLY A 164 1.45 -8.64 6.90
N GLN A 165 0.77 -9.46 6.08
N GLN A 165 0.75 -9.46 6.09
CA GLN A 165 0.54 -10.86 6.41
CA GLN A 165 0.56 -10.86 6.45
C GLN A 165 1.71 -11.72 5.93
C GLN A 165 1.74 -11.72 6.00
N GLY A 166 2.80 -11.08 5.50
CA GLY A 166 4.10 -11.72 5.32
C GLY A 166 4.23 -12.52 4.02
N GLY A 167 3.39 -12.23 3.02
CA GLY A 167 3.47 -12.94 1.75
C GLY A 167 4.88 -12.89 1.15
N LEU A 168 5.50 -11.71 1.17
CA LEU A 168 6.81 -11.54 0.57
C LEU A 168 7.88 -12.23 1.41
N VAL A 169 7.79 -12.07 2.73
CA VAL A 169 8.72 -12.75 3.65
C VAL A 169 8.71 -14.26 3.39
N LEU A 170 7.51 -14.84 3.30
CA LEU A 170 7.38 -16.29 3.13
C LEU A 170 7.86 -16.70 1.74
N HIS A 171 7.61 -15.87 0.73
CA HIS A 171 8.04 -16.16 -0.64
C HIS A 171 9.56 -16.26 -0.70
N ILE A 172 10.25 -15.26 -0.14
CA ILE A 172 11.70 -15.22 -0.19
C ILE A 172 12.28 -16.38 0.64
N ALA A 173 11.69 -16.62 1.82
CA ALA A 173 12.23 -17.64 2.70
C ALA A 173 12.15 -19.02 2.04
N GLN A 174 11.04 -19.29 1.34
CA GLN A 174 10.84 -20.58 0.68
C GLN A 174 11.74 -20.69 -0.55
N LYS A 175 11.86 -19.60 -1.31
CA LYS A 175 12.63 -19.68 -2.56
C LYS A 175 14.14 -19.68 -2.32
N TYR A 176 14.59 -18.99 -1.26
CA TYR A 176 16.01 -18.85 -0.98
C TYR A 176 16.29 -19.39 0.44
N LYS A 177 16.58 -20.69 0.54
CA LYS A 177 16.65 -21.35 1.84
C LYS A 177 17.83 -20.87 2.69
N ASN A 178 18.86 -20.28 2.06
CA ASN A 178 20.01 -19.78 2.81
C ASN A 178 19.86 -18.29 3.15
N CYS A 179 18.79 -17.64 2.68
CA CYS A 179 18.48 -16.30 3.15
C CYS A 179 17.94 -16.40 4.58
N HIS A 180 18.24 -15.39 5.42
CA HIS A 180 17.49 -15.22 6.66
C HIS A 180 16.62 -13.99 6.48
N VAL A 181 15.31 -14.16 6.67
CA VAL A 181 14.33 -13.16 6.30
C VAL A 181 13.63 -12.71 7.56
N THR A 182 13.65 -11.39 7.81
CA THR A 182 13.00 -10.80 8.97
C THR A 182 11.87 -9.91 8.46
N GLY A 183 10.66 -10.11 8.98
CA GLY A 183 9.58 -9.16 8.76
C GLY A 183 9.48 -8.22 9.96
N LEU A 184 9.06 -6.97 9.73
CA LEU A 184 8.85 -6.04 10.82
C LEU A 184 7.44 -5.48 10.67
N THR A 185 6.64 -5.59 11.72
CA THR A 185 5.26 -5.11 11.72
C THR A 185 4.92 -4.58 13.10
N ASN A 186 3.94 -3.68 13.15
CA ASN A 186 3.48 -3.11 14.41
C ASN A 186 2.23 -3.86 14.90
N SER A 187 1.86 -4.92 14.19
CA SER A 187 0.65 -5.68 14.51
C SER A 187 1.00 -7.06 15.07
N LYS A 188 0.50 -7.33 16.29
CA LYS A 188 0.71 -8.61 16.95
C LYS A 188 0.01 -9.73 16.17
N ALA A 189 -1.19 -9.45 15.65
CA ALA A 189 -1.96 -10.41 14.85
C ALA A 189 -1.18 -10.80 13.59
N GLN A 190 -0.55 -9.82 12.94
CA GLN A 190 0.25 -10.11 11.75
C GLN A 190 1.45 -10.97 12.11
N LYS A 191 2.16 -10.60 13.18
CA LYS A 191 3.32 -11.36 13.61
C LYS A 191 2.92 -12.83 13.81
N ASN A 192 1.81 -13.05 14.53
CA ASN A 192 1.33 -14.37 14.90
C ASN A 192 0.96 -15.17 13.65
N TYR A 193 0.34 -14.50 12.67
CA TYR A 193 -0.07 -15.16 11.45
C TYR A 193 1.16 -15.62 10.66
N ILE A 194 2.18 -14.76 10.57
CA ILE A 194 3.38 -15.09 9.82
C ILE A 194 4.10 -16.27 10.47
N LEU A 195 4.22 -16.26 11.80
CA LEU A 195 4.94 -17.32 12.48
C LEU A 195 4.22 -18.66 12.31
N MET A 196 2.88 -18.62 12.33
CA MET A 196 2.11 -19.82 12.10
C MET A 196 2.31 -20.37 10.69
N GLN A 197 2.27 -19.50 9.68
CA GLN A 197 2.48 -19.91 8.30
C GLN A 197 3.88 -20.48 8.11
N ALA A 198 4.90 -19.85 8.71
CA ALA A 198 6.26 -20.33 8.56
C ALA A 198 6.38 -21.75 9.12
N GLU A 199 5.72 -22.00 10.25
CA GLU A 199 5.69 -23.32 10.87
C GLU A 199 4.99 -24.33 9.95
N LYS A 200 3.85 -23.96 9.38
CA LYS A 200 3.15 -24.87 8.48
C LYS A 200 3.95 -25.17 7.21
N LEU A 201 4.74 -24.20 6.72
CA LEU A 201 5.46 -24.35 5.47
C LEU A 201 6.87 -24.91 5.72
N GLN A 202 7.18 -25.27 6.97
CA GLN A 202 8.46 -25.88 7.34
C GLN A 202 9.61 -24.90 7.03
N LEU A 203 9.38 -23.61 7.24
CA LEU A 203 10.42 -22.62 7.00
C LEU A 203 11.10 -22.31 8.33
N SER A 204 12.44 -22.38 8.36
CA SER A 204 13.18 -22.21 9.61
C SER A 204 14.01 -20.93 9.58
N ASN A 205 13.87 -20.14 8.49
CA ASN A 205 14.72 -18.97 8.26
C ASN A 205 13.90 -17.67 8.33
N VAL A 206 12.82 -17.67 9.12
CA VAL A 206 11.97 -16.48 9.23
C VAL A 206 11.97 -16.04 10.69
N ASP A 207 12.10 -14.72 10.90
CA ASP A 207 11.74 -14.13 12.19
C ASP A 207 10.89 -12.89 11.94
N VAL A 208 10.18 -12.43 12.99
CA VAL A 208 9.36 -11.24 12.89
C VAL A 208 9.66 -10.35 14.08
N ILE A 209 9.93 -9.08 13.81
CA ILE A 209 10.12 -8.07 14.84
C ILE A 209 8.78 -7.36 15.02
N LEU A 210 8.26 -7.35 16.25
CA LEU A 210 7.07 -6.57 16.57
C LEU A 210 7.53 -5.20 17.05
N ALA A 211 7.29 -4.17 16.24
CA ALA A 211 7.81 -2.83 16.53
C ALA A 211 7.10 -1.77 15.70
N ASP A 212 6.99 -0.57 16.27
CA ASP A 212 6.78 0.62 15.48
C ASP A 212 8.12 0.97 14.85
N VAL A 213 8.20 0.97 13.51
CA VAL A 213 9.47 1.16 12.82
C VAL A 213 10.05 2.53 13.17
N THR A 214 9.18 3.52 13.46
CA THR A 214 9.66 4.87 13.77
C THR A 214 10.33 4.93 15.13
N LYS A 215 10.18 3.87 15.94
CA LYS A 215 10.72 3.86 17.29
C LYS A 215 11.78 2.77 17.47
N HIS A 216 11.84 1.84 16.50
CA HIS A 216 12.69 0.67 16.59
C HIS A 216 14.15 1.10 16.60
N GLU A 217 14.91 0.59 17.57
CA GLU A 217 16.32 0.91 17.66
C GLU A 217 17.10 -0.40 17.57
N SER A 218 18.09 -0.44 16.68
CA SER A 218 18.90 -1.63 16.53
C SER A 218 20.20 -1.32 15.82
N ASP A 219 21.23 -2.14 16.10
N ASP A 219 21.24 -2.12 16.11
CA ASP A 219 22.53 -2.03 15.48
CA ASP A 219 22.52 -2.00 15.44
C ASP A 219 22.66 -3.07 14.36
C ASP A 219 22.65 -3.05 14.34
N LYS A 220 21.64 -3.93 14.21
CA LYS A 220 21.63 -4.94 13.15
C LYS A 220 21.60 -4.27 11.78
N THR A 221 22.36 -4.83 10.83
CA THR A 221 22.31 -4.38 9.44
C THR A 221 21.84 -5.55 8.57
N TYR A 222 21.34 -5.23 7.37
CA TYR A 222 20.77 -6.23 6.47
C TYR A 222 21.30 -5.97 5.06
N ASP A 223 21.53 -7.05 4.31
CA ASP A 223 21.90 -6.98 2.91
C ASP A 223 20.83 -6.34 2.04
N ARG A 224 19.56 -6.58 2.39
CA ARG A 224 18.45 -6.10 1.58
C ARG A 224 17.33 -5.63 2.51
N ILE A 225 16.85 -4.42 2.23
CA ILE A 225 15.69 -3.88 2.94
C ILE A 225 14.61 -3.61 1.91
N LEU A 226 13.41 -4.16 2.17
CA LEU A 226 12.26 -3.99 1.29
C LEU A 226 11.16 -3.23 2.03
N VAL A 227 10.53 -2.29 1.33
CA VAL A 227 9.45 -1.49 1.89
C VAL A 227 8.35 -1.45 0.85
N ILE A 228 7.32 -2.30 1.02
CA ILE A 228 6.30 -2.44 0.00
C ILE A 228 5.02 -1.75 0.49
N GLU A 229 4.74 -0.58 -0.09
CA GLU A 229 3.53 0.19 0.18
C GLU A 229 3.35 0.48 1.67
N THR A 230 4.46 0.74 2.36
CA THR A 230 4.49 1.14 3.76
C THR A 230 4.83 2.64 3.90
N ILE A 231 5.62 3.19 2.97
CA ILE A 231 6.14 4.54 3.15
C ILE A 231 5.01 5.56 3.08
N GLU A 232 3.90 5.19 2.42
CA GLU A 232 2.69 6.00 2.33
C GLU A 232 2.14 6.35 3.70
N HIS A 233 2.54 5.60 4.73
CA HIS A 233 2.00 5.77 6.08
C HIS A 233 2.98 6.51 6.98
N MET A 234 4.15 6.86 6.44
CA MET A 234 5.20 7.39 7.30
C MET A 234 5.07 8.90 7.38
N LYS A 235 5.02 9.41 8.61
CA LYS A 235 4.83 10.83 8.86
C LYS A 235 6.08 11.64 8.55
N ASN A 236 7.27 11.05 8.79
CA ASN A 236 8.54 11.75 8.60
C ASN A 236 9.44 10.93 7.67
N ILE A 237 9.39 11.22 6.37
CA ILE A 237 10.06 10.40 5.37
C ILE A 237 11.58 10.56 5.46
N GLN A 238 12.04 11.81 5.64
CA GLN A 238 13.47 12.06 5.73
C GLN A 238 14.11 11.25 6.86
N LEU A 239 13.46 11.25 8.03
N LEU A 239 13.46 11.21 8.03
CA LEU A 239 13.94 10.51 9.19
CA LEU A 239 14.01 10.50 9.17
C LEU A 239 13.87 9.02 8.90
C LEU A 239 13.79 8.99 9.04
N PHE A 240 12.81 8.59 8.23
CA PHE A 240 12.58 7.19 7.89
C PHE A 240 13.74 6.68 7.04
N MET A 241 14.04 7.41 5.95
CA MET A 241 15.13 7.03 5.06
C MET A 241 16.47 7.03 5.81
N LYS A 242 16.65 8.03 6.69
N LYS A 242 16.67 8.01 6.70
CA LYS A 242 17.83 8.13 7.52
CA LYS A 242 17.90 8.07 7.46
C LYS A 242 18.00 6.87 8.35
C LYS A 242 18.01 6.84 8.36
N LYS A 243 16.91 6.45 9.02
CA LYS A 243 16.95 5.29 9.90
C LYS A 243 17.31 4.02 9.10
N LEU A 244 16.66 3.83 7.94
CA LEU A 244 16.92 2.69 7.07
C LEU A 244 18.39 2.63 6.68
N SER A 245 18.99 3.80 6.41
CA SER A 245 20.38 3.81 6.01
C SER A 245 21.29 3.29 7.12
N THR A 246 20.89 3.48 8.38
CA THR A 246 21.72 3.01 9.50
C THR A 246 21.62 1.48 9.65
N TRP A 247 20.66 0.86 8.96
CA TRP A 247 20.49 -0.59 9.00
C TRP A 247 21.07 -1.23 7.74
N MET A 248 21.86 -0.46 7.00
CA MET A 248 22.50 -0.88 5.76
C MET A 248 24.01 -0.80 5.93
N THR A 249 24.73 -1.65 5.20
CA THR A 249 26.17 -1.48 4.99
C THR A 249 26.38 -0.98 3.57
N GLU A 250 27.66 -0.87 3.16
CA GLU A 250 27.99 -0.38 1.83
C GLU A 250 27.58 -1.41 0.76
N ASP A 251 27.27 -2.64 1.17
CA ASP A 251 26.89 -3.68 0.23
C ASP A 251 25.37 -3.83 0.10
N SER A 252 24.61 -3.13 0.95
CA SER A 252 23.16 -3.35 1.03
C SER A 252 22.43 -2.64 -0.11
N LEU A 253 21.20 -3.09 -0.40
CA LEU A 253 20.30 -2.35 -1.27
C LEU A 253 18.98 -2.18 -0.53
N LEU A 254 18.29 -1.08 -0.87
CA LEU A 254 16.98 -0.74 -0.32
C LEU A 254 16.03 -0.62 -1.49
N PHE A 255 14.91 -1.37 -1.44
CA PHE A 255 13.90 -1.32 -2.48
C PHE A 255 12.61 -0.81 -1.87
N VAL A 256 12.02 0.23 -2.50
CA VAL A 256 10.79 0.83 -2.03
C VAL A 256 9.76 0.77 -3.16
N ASP A 257 8.53 0.40 -2.81
CA ASP A 257 7.40 0.42 -3.72
C ASP A 257 6.30 1.25 -3.05
N HIS A 258 5.73 2.22 -3.77
CA HIS A 258 4.69 3.04 -3.16
C HIS A 258 3.65 3.45 -4.20
N ILE A 259 2.40 3.55 -3.78
CA ILE A 259 1.40 4.08 -4.69
C ILE A 259 1.79 5.53 -4.97
N CYS A 260 1.49 5.99 -6.18
CA CYS A 260 1.92 7.32 -6.57
C CYS A 260 0.93 7.94 -7.55
N HIS A 261 1.10 9.25 -7.80
CA HIS A 261 0.60 9.85 -9.03
C HIS A 261 1.82 10.14 -9.89
N LYS A 262 1.68 10.02 -11.22
CA LYS A 262 2.86 10.15 -12.05
C LYS A 262 3.43 11.57 -12.03
N THR A 263 2.61 12.58 -11.70
CA THR A 263 3.01 13.97 -11.92
C THR A 263 3.13 14.75 -10.61
N PHE A 264 2.19 14.55 -9.67
CA PHE A 264 2.17 15.40 -8.49
C PHE A 264 1.98 14.53 -7.24
N SER A 265 2.23 15.14 -6.07
CA SER A 265 2.02 14.51 -4.77
C SER A 265 0.76 15.11 -4.13
N HIS A 266 0.12 14.33 -3.24
CA HIS A 266 -0.96 14.87 -2.44
C HIS A 266 -1.19 14.01 -1.20
N HIS A 267 -1.61 14.66 -0.11
CA HIS A 267 -2.15 13.93 1.02
C HIS A 267 -3.48 13.33 0.58
N PHE A 268 -3.80 12.14 1.10
CA PHE A 268 -5.06 11.51 0.77
C PHE A 268 -6.12 12.06 1.74
N GLU A 269 -6.94 12.99 1.23
CA GLU A 269 -7.88 13.70 2.06
C GLU A 269 -8.84 14.48 1.15
N ALA A 270 -9.93 14.96 1.73
CA ALA A 270 -10.94 15.67 0.97
C ALA A 270 -10.37 17.00 0.47
N ILE A 271 -10.60 17.31 -0.81
CA ILE A 271 -10.31 18.66 -1.29
C ILE A 271 -11.33 19.64 -0.73
N ASP A 272 -12.62 19.25 -0.83
CA ASP A 272 -13.71 20.13 -0.47
C ASP A 272 -14.76 19.35 0.31
N GLU A 273 -15.89 20.01 0.60
CA GLU A 273 -16.96 19.43 1.41
C GLU A 273 -17.84 18.51 0.58
N ASP A 274 -17.61 18.44 -0.74
CA ASP A 274 -18.34 17.50 -1.58
C ASP A 274 -17.69 16.11 -1.55
N ASP A 275 -16.47 16.01 -0.99
CA ASP A 275 -15.74 14.74 -0.95
C ASP A 275 -16.06 13.96 0.33
N TRP A 276 -17.01 13.04 0.19
CA TRP A 276 -17.42 12.15 1.27
C TRP A 276 -16.49 10.93 1.33
N TYR A 277 -15.76 10.67 0.23
CA TYR A 277 -15.07 9.40 0.02
C TYR A 277 -13.76 9.35 0.81
N SER A 278 -12.90 10.37 0.63
CA SER A 278 -11.52 10.27 1.06
C SER A 278 -11.39 10.01 2.56
N GLY A 279 -12.13 10.78 3.36
CA GLY A 279 -12.06 10.70 4.81
C GLY A 279 -12.85 9.50 5.35
N PHE A 280 -13.70 8.92 4.50
CA PHE A 280 -14.38 7.68 4.87
C PHE A 280 -13.38 6.52 4.82
N ILE A 281 -12.55 6.51 3.77
CA ILE A 281 -11.62 5.42 3.53
C ILE A 281 -10.44 5.47 4.51
N PHE A 282 -9.88 6.67 4.70
CA PHE A 282 -8.72 6.85 5.56
C PHE A 282 -8.89 8.11 6.40
N PRO A 283 -8.53 8.09 7.70
CA PRO A 283 -8.48 9.31 8.49
C PRO A 283 -7.47 10.32 7.97
N LYS A 284 -7.71 11.61 8.26
CA LYS A 284 -6.79 12.67 7.86
C LYS A 284 -5.41 12.37 8.44
N GLY A 285 -4.38 12.54 7.60
CA GLY A 285 -2.99 12.42 8.03
C GLY A 285 -2.45 11.00 7.92
N CYS A 286 -3.30 10.06 7.51
CA CYS A 286 -2.92 8.66 7.50
C CYS A 286 -2.04 8.35 6.29
N VAL A 287 -2.48 8.74 5.09
CA VAL A 287 -1.87 8.29 3.83
C VAL A 287 -1.41 9.49 3.00
N THR A 288 -0.17 9.42 2.51
CA THR A 288 0.37 10.38 1.54
C THR A 288 0.62 9.67 0.22
N ILE A 289 0.16 10.27 -0.87
CA ILE A 289 0.45 9.77 -2.21
C ILE A 289 1.56 10.63 -2.82
N LEU A 290 2.80 10.11 -2.78
CA LEU A 290 3.91 10.83 -3.37
C LEU A 290 3.82 10.77 -4.90
N SER A 291 4.39 11.78 -5.56
CA SER A 291 4.57 11.66 -7.00
C SER A 291 5.56 10.52 -7.31
N ALA A 292 5.58 10.09 -8.58
CA ALA A 292 6.49 9.02 -8.98
C ALA A 292 7.97 9.41 -8.78
N SER A 293 8.24 10.72 -8.70
N SER A 293 8.24 10.72 -8.69
CA SER A 293 9.60 11.23 -8.59
CA SER A 293 9.62 11.19 -8.57
C SER A 293 9.96 11.71 -7.18
C SER A 293 9.89 11.92 -7.25
N ALA A 294 8.98 11.79 -6.28
CA ALA A 294 9.15 12.45 -4.98
C ALA A 294 10.37 11.96 -4.22
N LEU A 295 10.61 10.63 -4.22
CA LEU A 295 11.69 10.12 -3.39
C LEU A 295 13.07 10.49 -3.92
N LEU A 296 13.14 10.94 -5.18
CA LEU A 296 14.40 11.40 -5.71
C LEU A 296 14.92 12.57 -4.88
N TYR A 297 14.02 13.29 -4.21
CA TYR A 297 14.41 14.46 -3.43
C TYR A 297 14.77 14.07 -1.99
N PHE A 298 14.83 12.76 -1.70
CA PHE A 298 15.09 12.29 -0.34
C PHE A 298 16.34 11.41 -0.35
N GLN A 299 17.40 11.91 -0.99
CA GLN A 299 18.66 11.17 -1.09
C GLN A 299 19.74 11.79 -0.21
N ASP A 300 19.36 12.27 0.97
CA ASP A 300 20.34 12.72 1.94
C ASP A 300 21.23 11.56 2.40
N ASP A 301 20.66 10.36 2.56
CA ASP A 301 21.32 9.26 3.26
C ASP A 301 21.44 8.01 2.40
N VAL A 302 20.70 7.99 1.28
CA VAL A 302 20.76 6.90 0.32
C VAL A 302 20.85 7.51 -1.08
N THR A 303 21.27 6.70 -2.06
CA THR A 303 21.55 7.15 -3.43
C THR A 303 20.78 6.24 -4.38
N ILE A 304 20.04 6.84 -5.33
CA ILE A 304 19.22 6.08 -6.27
C ILE A 304 20.10 5.29 -7.25
N LEU A 305 19.68 4.06 -7.55
CA LEU A 305 20.33 3.20 -8.54
C LEU A 305 19.35 2.91 -9.68
N ASP A 306 18.06 2.76 -9.38
CA ASP A 306 17.13 2.49 -10.46
C ASP A 306 15.74 2.95 -10.04
N HIS A 307 14.85 3.08 -11.02
CA HIS A 307 13.55 3.72 -10.80
C HIS A 307 12.60 3.19 -11.87
N TRP A 308 11.42 2.71 -11.43
CA TRP A 308 10.42 2.19 -12.35
C TRP A 308 9.04 2.69 -11.93
N VAL A 309 8.04 2.58 -12.81
CA VAL A 309 6.66 2.58 -12.34
C VAL A 309 5.95 1.39 -12.97
N VAL A 310 4.86 0.96 -12.33
CA VAL A 310 4.01 -0.11 -12.82
C VAL A 310 2.66 0.54 -13.07
N ASN A 311 2.14 0.41 -14.30
CA ASN A 311 0.89 1.02 -14.72
C ASN A 311 -0.24 0.70 -13.73
N GLY A 312 -1.15 1.66 -13.53
CA GLY A 312 -2.18 1.56 -12.51
C GLY A 312 -3.23 0.46 -12.74
N MET A 313 -3.32 -0.07 -13.97
CA MET A 313 -4.30 -1.13 -14.22
C MET A 313 -3.99 -2.38 -13.41
N HIS A 314 -2.71 -2.61 -13.05
CA HIS A 314 -2.36 -3.72 -12.17
C HIS A 314 -3.01 -3.57 -10.79
N MET A 315 -2.88 -2.37 -10.20
CA MET A 315 -3.55 -2.09 -8.94
C MET A 315 -5.07 -2.21 -9.12
N ALA A 316 -5.59 -1.68 -10.23
CA ALA A 316 -7.03 -1.70 -10.47
C ALA A 316 -7.56 -3.13 -10.50
N ARG A 317 -6.82 -4.00 -11.21
CA ARG A 317 -7.18 -5.41 -11.30
C ARG A 317 -7.06 -6.09 -9.95
N SER A 318 -6.14 -5.61 -9.10
CA SER A 318 -5.97 -6.15 -7.77
C SER A 318 -7.22 -5.87 -6.94
N VAL A 319 -7.64 -4.61 -6.88
CA VAL A 319 -8.77 -4.23 -6.03
C VAL A 319 -10.06 -4.82 -6.60
N ASP A 320 -10.12 -4.97 -7.93
CA ASP A 320 -11.28 -5.60 -8.57
C ASP A 320 -11.42 -7.06 -8.12
N ALA A 321 -10.29 -7.78 -8.09
CA ALA A 321 -10.29 -9.17 -7.64
C ALA A 321 -10.75 -9.27 -6.18
N TRP A 322 -10.26 -8.38 -5.30
CA TRP A 322 -10.62 -8.38 -3.89
C TRP A 322 -12.11 -8.11 -3.72
N ARG A 323 -12.64 -7.12 -4.46
CA ARG A 323 -14.04 -6.74 -4.35
C ARG A 323 -14.94 -7.91 -4.78
N LYS A 324 -14.58 -8.55 -5.90
CA LYS A 324 -15.38 -9.66 -6.42
C LYS A 324 -15.34 -10.87 -5.49
N LYS A 325 -14.18 -11.12 -4.86
CA LYS A 325 -14.02 -12.25 -3.96
C LYS A 325 -14.80 -12.00 -2.67
N LEU A 326 -14.72 -10.77 -2.15
CA LEU A 326 -15.52 -10.36 -1.00
C LEU A 326 -17.02 -10.52 -1.30
N ASP A 327 -17.46 -10.06 -2.47
CA ASP A 327 -18.85 -10.19 -2.90
C ASP A 327 -19.28 -11.67 -2.93
N LYS A 328 -18.44 -12.54 -3.50
CA LYS A 328 -18.73 -13.96 -3.60
C LYS A 328 -18.86 -14.59 -2.21
N ASN A 329 -18.02 -14.15 -1.27
CA ASN A 329 -17.93 -14.73 0.06
C ASN A 329 -18.66 -13.87 1.09
N MET A 330 -19.66 -13.11 0.64
CA MET A 330 -20.28 -12.08 1.48
C MET A 330 -20.93 -12.73 2.70
N GLU A 331 -21.70 -13.80 2.50
CA GLU A 331 -22.44 -14.40 3.59
C GLU A 331 -21.47 -14.95 4.64
N LEU A 332 -20.42 -15.62 4.18
CA LEU A 332 -19.38 -16.15 5.04
C LEU A 332 -18.71 -15.03 5.82
N ALA A 333 -18.37 -13.93 5.12
CA ALA A 333 -17.70 -12.80 5.74
C ALA A 333 -18.53 -12.26 6.91
N ARG A 334 -19.84 -12.11 6.68
CA ARG A 334 -20.74 -11.55 7.69
C ARG A 334 -20.78 -12.44 8.92
N GLU A 335 -20.73 -13.75 8.69
CA GLU A 335 -20.72 -14.75 9.75
C GLU A 335 -19.42 -14.65 10.55
N ILE A 336 -18.27 -14.53 9.86
CA ILE A 336 -16.97 -14.48 10.50
C ILE A 336 -16.86 -13.24 11.39
N LEU A 337 -17.42 -12.13 10.91
CA LEU A 337 -17.19 -10.84 11.56
C LEU A 337 -18.11 -10.65 12.76
N LEU A 338 -19.28 -11.31 12.74
CA LEU A 338 -20.35 -11.03 13.69
C LEU A 338 -19.89 -11.20 15.14
N PRO A 339 -19.26 -12.34 15.53
CA PRO A 339 -18.76 -12.51 16.89
C PRO A 339 -17.96 -11.32 17.43
N GLY A 340 -17.00 -10.85 16.62
CA GLY A 340 -16.02 -9.87 17.08
C GLY A 340 -16.55 -8.45 17.04
N LEU A 341 -17.63 -8.21 16.29
CA LEU A 341 -18.10 -6.86 16.02
C LEU A 341 -19.36 -6.54 16.81
N GLY A 342 -20.17 -7.57 17.11
CA GLY A 342 -21.21 -7.47 18.12
C GLY A 342 -22.61 -7.24 17.55
N SER A 343 -22.71 -6.80 16.29
CA SER A 343 -24.00 -6.59 15.66
C SER A 343 -23.86 -6.60 14.14
N LYS A 344 -24.95 -6.98 13.46
CA LYS A 344 -25.03 -7.01 12.01
C LYS A 344 -24.75 -5.64 11.42
N GLU A 345 -25.05 -4.57 12.18
CA GLU A 345 -24.91 -3.20 11.72
C GLU A 345 -23.43 -2.83 11.67
N ALA A 346 -22.72 -3.12 12.77
CA ALA A 346 -21.29 -2.92 12.84
C ALA A 346 -20.57 -3.75 11.78
N VAL A 347 -21.09 -4.96 11.52
CA VAL A 347 -20.55 -5.86 10.51
C VAL A 347 -20.68 -5.20 9.14
N ASN A 348 -21.91 -4.75 8.82
CA ASN A 348 -22.23 -4.16 7.54
C ASN A 348 -21.33 -2.95 7.30
N GLY A 349 -21.03 -2.23 8.39
CA GLY A 349 -20.18 -1.05 8.38
C GLY A 349 -18.75 -1.37 7.95
N VAL A 350 -18.18 -2.43 8.54
CA VAL A 350 -16.82 -2.83 8.21
C VAL A 350 -16.75 -3.28 6.76
N ILE A 351 -17.75 -4.06 6.33
CA ILE A 351 -17.82 -4.58 4.97
C ILE A 351 -17.99 -3.45 3.97
N THR A 352 -18.81 -2.45 4.31
CA THR A 352 -19.05 -1.32 3.41
C THR A 352 -17.75 -0.55 3.20
N HIS A 353 -16.98 -0.39 4.28
CA HIS A 353 -15.73 0.34 4.27
C HIS A 353 -14.74 -0.34 3.31
N ILE A 354 -14.61 -1.67 3.44
CA ILE A 354 -13.65 -2.43 2.66
C ILE A 354 -14.09 -2.43 1.19
N ARG A 355 -15.38 -2.65 0.96
CA ARG A 355 -15.88 -2.79 -0.39
C ARG A 355 -15.78 -1.45 -1.13
N THR A 356 -16.03 -0.34 -0.43
CA THR A 356 -15.96 0.99 -1.03
C THR A 356 -14.52 1.35 -1.32
N PHE A 357 -13.60 0.94 -0.43
CA PHE A 357 -12.16 1.07 -0.66
C PHE A 357 -11.81 0.47 -2.02
N CYS A 358 -12.33 -0.73 -2.29
CA CYS A 358 -12.06 -1.42 -3.53
C CYS A 358 -12.69 -0.72 -4.73
N MET A 359 -13.94 -0.27 -4.57
N MET A 359 -13.96 -0.32 -4.58
CA MET A 359 -14.65 0.33 -5.71
CA MET A 359 -14.68 0.34 -5.66
C MET A 359 -14.04 1.70 -6.04
C MET A 359 -13.98 1.65 -6.03
N GLY A 360 -13.60 2.42 -5.00
CA GLY A 360 -12.96 3.71 -5.21
C GLY A 360 -11.55 3.55 -5.77
N GLY A 361 -10.82 2.58 -5.23
CA GLY A 361 -9.48 2.27 -5.69
C GLY A 361 -9.49 1.91 -7.18
N TYR A 362 -10.54 1.21 -7.60
CA TYR A 362 -10.70 0.84 -9.01
C TYR A 362 -10.74 2.10 -9.90
N GLU A 363 -11.55 3.09 -9.50
CA GLU A 363 -11.69 4.31 -10.27
C GLU A 363 -10.40 5.11 -10.27
N GLN A 364 -9.70 5.13 -9.12
CA GLN A 364 -8.47 5.89 -8.98
C GLN A 364 -7.37 5.32 -9.88
N PHE A 365 -7.13 4.02 -9.76
CA PHE A 365 -6.00 3.39 -10.42
C PHE A 365 -6.29 3.12 -11.89
N SER A 366 -7.57 2.97 -12.25
CA SER A 366 -7.87 2.71 -13.66
C SER A 366 -8.00 4.00 -14.46
N TYR A 367 -7.96 5.17 -13.80
CA TYR A 367 -8.20 6.45 -14.45
C TYR A 367 -7.26 6.58 -15.66
N ASN A 368 -7.79 6.92 -16.84
CA ASN A 368 -6.98 7.10 -18.05
C ASN A 368 -6.11 5.87 -18.33
N ASN A 369 -6.71 4.68 -18.22
N ASN A 369 -6.70 4.68 -18.17
CA ASN A 369 -6.05 3.41 -18.52
CA ASN A 369 -6.08 3.41 -18.52
C ASN A 369 -4.76 3.27 -17.70
C ASN A 369 -4.87 3.09 -17.65
N GLY A 370 -4.83 3.63 -16.42
CA GLY A 370 -3.73 3.36 -15.51
C GLY A 370 -2.61 4.41 -15.56
N GLU A 371 -2.84 5.53 -16.26
CA GLU A 371 -1.79 6.51 -16.51
C GLU A 371 -1.93 7.76 -15.65
N GLU A 372 -2.57 7.65 -14.48
CA GLU A 372 -2.64 8.76 -13.54
C GLU A 372 -2.03 8.30 -12.22
N TRP A 373 -2.81 7.53 -11.45
CA TRP A 373 -2.31 6.90 -10.25
C TRP A 373 -1.78 5.51 -10.56
N MET A 374 -0.63 5.19 -9.98
CA MET A 374 0.04 3.95 -10.34
C MET A 374 0.97 3.58 -9.19
N VAL A 375 1.96 2.71 -9.46
CA VAL A 375 2.88 2.29 -8.41
C VAL A 375 4.30 2.68 -8.82
N ALA A 376 5.04 3.33 -7.90
CA ALA A 376 6.43 3.67 -8.17
C ALA A 376 7.33 2.70 -7.43
N GLN A 377 8.48 2.39 -8.01
CA GLN A 377 9.46 1.54 -7.35
C GLN A 377 10.84 2.17 -7.51
N MET A 378 11.64 2.09 -6.44
CA MET A 378 12.98 2.65 -6.51
C MET A 378 13.97 1.74 -5.79
N LEU A 379 15.19 1.67 -6.33
CA LEU A 379 16.28 0.93 -5.73
C LEU A 379 17.37 1.92 -5.31
N PHE A 380 17.85 1.78 -4.06
CA PHE A 380 18.83 2.69 -3.49
C PHE A 380 20.00 1.91 -2.90
N LYS A 381 21.18 2.54 -2.89
CA LYS A 381 22.25 2.10 -2.02
C LYS A 381 22.48 3.15 -0.94
N LYS A 382 23.27 2.80 0.07
CA LYS A 382 23.60 3.75 1.13
C LYS A 382 24.62 4.74 0.58
N LYS A 383 24.56 5.98 1.07
CA LYS A 383 25.67 6.89 0.82
C LYS A 383 26.90 6.44 1.63
#